data_1RDK
#
_entry.id   1RDK
#
_cell.length_a   60.700
_cell.length_b   75.300
_cell.length_c   57.400
_cell.angle_alpha   90.00
_cell.angle_beta   90.00
_cell.angle_gamma   90.00
#
_symmetry.space_group_name_H-M   'P 21 21 21'
#
loop_
_entity.id
_entity.type
_entity.pdbx_description
1 polymer 'MANNOSE-BINDING PROTEIN-C'
2 non-polymer beta-D-galactopyranose
3 non-polymer 'CALCIUM ION'
4 non-polymer 'CHLORIDE ION'
5 water water
#
_entity_poly.entity_id   1
_entity_poly.type   'polypeptide(L)'
_entity_poly.pdbx_seq_one_letter_code
;KKYFMSSVRRMPLNRAKALCSELQGTVATPRNAEENRAIQNVAKDVAFLGITDQRTENVFEDLTGNRVRYTNWNEGEPNN
VGSGENCVVLLTNGKWNDVPCSDSFLVVCEFSD
;
_entity_poly.pdbx_strand_id   1,2
#
# COMPACT_ATOMS: atom_id res chain seq x y z
N LYS A 2 10.29 1.70 10.09
CA LYS A 2 8.98 1.10 9.66
C LYS A 2 7.97 2.23 9.43
N TYR A 3 7.20 2.05 8.39
CA TYR A 3 6.11 2.96 8.02
C TYR A 3 4.82 2.17 8.10
N PHE A 4 3.79 2.80 8.64
CA PHE A 4 2.49 2.14 8.78
C PHE A 4 1.41 2.90 8.01
N MET A 5 0.56 2.16 7.32
CA MET A 5 -0.55 2.74 6.55
C MET A 5 -1.80 1.93 6.80
N SER A 6 -2.93 2.61 6.98
CA SER A 6 -4.19 1.93 7.21
C SER A 6 -5.06 1.91 5.96
N SER A 7 -5.85 0.86 5.81
CA SER A 7 -6.76 0.74 4.70
C SER A 7 -8.01 1.53 5.11
N VAL A 8 -8.91 1.73 4.15
CA VAL A 8 -10.15 2.44 4.43
C VAL A 8 -11.28 1.45 4.52
N ARG A 9 -11.13 0.32 3.83
CA ARG A 9 -12.17 -0.70 3.84
C ARG A 9 -11.79 -1.90 4.70
N ARG A 10 -12.80 -2.66 5.09
CA ARG A 10 -12.62 -3.85 5.91
C ARG A 10 -12.56 -5.07 5.01
N MET A 11 -11.81 -6.08 5.46
CA MET A 11 -11.63 -7.33 4.71
C MET A 11 -11.09 -8.40 5.67
N PRO A 12 -11.27 -9.68 5.31
CA PRO A 12 -10.78 -10.79 6.15
C PRO A 12 -9.25 -10.83 6.08
N LEU A 13 -8.62 -11.57 6.98
CA LEU A 13 -7.15 -11.62 7.01
C LEU A 13 -6.47 -12.01 5.69
N ASN A 14 -7.01 -12.97 4.95
CA ASN A 14 -6.39 -13.37 3.69
C ASN A 14 -6.31 -12.22 2.70
N ARG A 15 -7.38 -11.44 2.61
CA ARG A 15 -7.42 -10.30 1.72
C ARG A 15 -6.48 -9.22 2.27
N ALA A 16 -6.42 -9.10 3.60
CA ALA A 16 -5.55 -8.14 4.30
C ALA A 16 -4.08 -8.41 3.96
N LYS A 17 -3.70 -9.69 4.02
CA LYS A 17 -2.33 -10.09 3.71
C LYS A 17 -2.00 -9.77 2.26
N ALA A 18 -2.92 -10.09 1.36
CA ALA A 18 -2.76 -9.83 -0.06
C ALA A 18 -2.57 -8.35 -0.32
N LEU A 19 -3.34 -7.52 0.37
CA LEU A 19 -3.21 -6.08 0.16
C LEU A 19 -1.82 -5.58 0.52
N CYS A 20 -1.36 -5.88 1.74
CA CYS A 20 -0.05 -5.41 2.17
C CYS A 20 1.07 -5.98 1.28
N SER A 21 0.95 -7.25 0.92
CA SER A 21 1.94 -7.93 0.09
C SER A 21 2.00 -7.33 -1.30
N GLU A 22 0.87 -6.81 -1.78
CA GLU A 22 0.82 -6.21 -3.09
C GLU A 22 1.83 -5.07 -3.23
N LEU A 23 1.99 -4.29 -2.17
CA LEU A 23 2.94 -3.19 -2.16
C LEU A 23 4.23 -3.57 -1.46
N GLN A 24 4.50 -4.88 -1.42
CA GLN A 24 5.72 -5.45 -0.84
C GLN A 24 5.94 -5.14 0.65
N GLY A 25 4.84 -5.10 1.39
CA GLY A 25 4.89 -4.86 2.81
C GLY A 25 4.20 -6.04 3.47
N THR A 26 3.88 -5.93 4.75
CA THR A 26 3.20 -6.99 5.47
C THR A 26 2.20 -6.36 6.43
N VAL A 27 1.33 -7.18 7.00
CA VAL A 27 0.32 -6.69 7.96
C VAL A 27 1.13 -6.29 9.19
N ALA A 28 0.90 -5.07 9.69
CA ALA A 28 1.62 -4.53 10.85
C ALA A 28 1.70 -5.39 12.11
N THR A 29 2.91 -5.53 12.64
CA THR A 29 3.14 -6.31 13.84
C THR A 29 3.90 -5.43 14.84
N PRO A 30 3.20 -4.92 15.86
CA PRO A 30 3.91 -4.09 16.83
C PRO A 30 4.91 -4.91 17.64
N ARG A 31 6.15 -4.43 17.75
CA ARG A 31 7.18 -5.14 18.51
C ARG A 31 7.39 -4.53 19.88
N ASN A 32 6.73 -3.42 20.15
CA ASN A 32 6.80 -2.75 21.45
C ASN A 32 5.65 -1.76 21.56
N ALA A 33 5.56 -1.11 22.71
CA ALA A 33 4.50 -0.16 23.01
C ALA A 33 4.47 1.07 22.10
N GLU A 34 5.64 1.51 21.65
CA GLU A 34 5.75 2.68 20.79
C GLU A 34 5.20 2.36 19.39
N GLU A 35 5.52 1.17 18.88
CA GLU A 35 4.99 0.77 17.58
C GLU A 35 3.49 0.51 17.70
N ASN A 36 3.06 -0.01 18.86
CA ASN A 36 1.64 -0.30 19.07
C ASN A 36 0.84 0.99 18.97
N ARG A 37 1.36 2.04 19.60
CA ARG A 37 0.71 3.36 19.58
C ARG A 37 0.66 3.92 18.16
N ALA A 38 1.77 3.82 17.44
CA ALA A 38 1.85 4.32 16.07
C ALA A 38 0.83 3.65 15.16
N ILE A 39 0.63 2.35 15.32
CA ILE A 39 -0.34 1.61 14.52
C ILE A 39 -1.78 1.98 14.94
N GLN A 40 -1.97 2.15 16.24
CA GLN A 40 -3.28 2.50 16.77
C GLN A 40 -3.72 3.81 16.13
N ASN A 41 -2.82 4.79 16.12
CA ASN A 41 -3.09 6.11 15.56
C ASN A 41 -3.39 6.14 14.06
N VAL A 42 -2.77 5.26 13.29
CA VAL A 42 -3.03 5.24 11.86
C VAL A 42 -4.38 4.54 11.59
N ALA A 43 -4.77 3.65 12.50
CA ALA A 43 -6.04 2.92 12.37
C ALA A 43 -7.19 3.71 12.99
N LYS A 44 -8.21 4.05 12.20
CA LYS A 44 -9.37 4.78 12.72
C LYS A 44 -10.40 3.88 13.39
N ASP A 45 -10.20 2.57 13.28
CA ASP A 45 -11.13 1.61 13.83
C ASP A 45 -10.33 0.32 14.05
N VAL A 46 -10.97 -0.70 14.60
CA VAL A 46 -10.35 -1.99 14.85
C VAL A 46 -9.67 -2.51 13.57
N ALA A 47 -8.43 -2.93 13.68
CA ALA A 47 -7.70 -3.40 12.52
C ALA A 47 -6.84 -4.64 12.83
N PHE A 48 -6.66 -5.48 11.83
CA PHE A 48 -5.86 -6.70 11.97
C PHE A 48 -4.36 -6.36 12.18
N LEU A 49 -3.68 -7.25 12.88
CA LEU A 49 -2.25 -7.15 13.12
C LEU A 49 -1.70 -8.42 12.44
N GLY A 50 -0.41 -8.42 12.11
CA GLY A 50 0.17 -9.58 11.45
C GLY A 50 0.58 -10.65 12.44
N ILE A 51 -0.39 -11.11 13.23
CA ILE A 51 -0.14 -12.12 14.25
C ILE A 51 -1.26 -13.14 14.24
N THR A 52 -0.90 -14.43 14.37
CA THR A 52 -1.89 -15.50 14.42
C THR A 52 -1.38 -16.68 15.22
N ASP A 53 -2.29 -17.56 15.63
CA ASP A 53 -1.90 -18.81 16.29
C ASP A 53 -2.52 -19.94 15.47
N GLN A 54 -2.54 -19.74 14.16
CA GLN A 54 -3.12 -20.73 13.24
C GLN A 54 -2.31 -22.03 13.23
N ARG A 55 -0.98 -21.93 13.33
CA ARG A 55 -0.13 -23.13 13.33
C ARG A 55 -0.27 -23.95 14.60
N THR A 56 -0.14 -23.29 15.74
CA THR A 56 -0.27 -23.93 17.03
C THR A 56 -1.14 -23.07 17.94
N GLU A 57 -2.23 -23.64 18.43
CA GLU A 57 -3.14 -22.92 19.30
C GLU A 57 -2.44 -22.34 20.52
N ASN A 58 -2.77 -21.08 20.79
CA ASN A 58 -2.22 -20.27 21.88
C ASN A 58 -0.72 -19.93 21.72
N VAL A 59 -0.18 -20.23 20.55
CA VAL A 59 1.21 -19.87 20.24
C VAL A 59 1.14 -18.81 19.17
N PHE A 60 1.20 -17.55 19.62
CA PHE A 60 1.11 -16.42 18.69
C PHE A 60 2.42 -16.01 18.05
N GLU A 61 2.41 -16.01 16.72
CA GLU A 61 3.58 -15.66 15.93
C GLU A 61 3.22 -14.71 14.80
N ASP A 62 4.21 -13.99 14.27
CA ASP A 62 4.00 -13.07 13.15
C ASP A 62 3.78 -13.84 11.84
N LEU A 63 3.49 -13.15 10.75
CA LEU A 63 3.21 -13.84 9.48
C LEU A 63 4.37 -14.60 8.87
N THR A 64 5.57 -14.46 9.44
CA THR A 64 6.74 -15.19 8.93
C THR A 64 7.10 -16.37 9.85
N GLY A 65 6.22 -16.67 10.80
CA GLY A 65 6.46 -17.79 11.70
C GLY A 65 7.33 -17.50 12.90
N ASN A 66 7.55 -16.21 13.20
CA ASN A 66 8.36 -15.83 14.34
C ASN A 66 7.51 -15.58 15.56
N ARG A 67 7.79 -16.28 16.65
CA ARG A 67 7.02 -16.11 17.87
C ARG A 67 7.11 -14.68 18.38
N VAL A 68 5.97 -14.08 18.71
CA VAL A 68 6.00 -12.71 19.20
C VAL A 68 6.38 -12.63 20.67
N ARG A 69 7.12 -11.60 21.03
CA ARG A 69 7.50 -11.40 22.42
C ARG A 69 6.54 -10.39 23.05
N TYR A 70 6.61 -9.14 22.62
CA TYR A 70 5.70 -8.12 23.13
C TYR A 70 4.24 -8.44 22.76
N THR A 71 3.35 -8.40 23.75
CA THR A 71 1.93 -8.61 23.53
C THR A 71 1.20 -7.50 24.29
N ASN A 72 -0.04 -7.20 23.89
CA ASN A 72 -0.81 -6.16 24.57
C ASN A 72 -2.27 -6.55 24.62
N TRP A 73 -2.51 -7.78 25.06
CA TRP A 73 -3.86 -8.35 25.15
C TRP A 73 -4.81 -7.58 26.05
N ASN A 74 -6.05 -7.46 25.58
CA ASN A 74 -7.10 -6.81 26.34
C ASN A 74 -7.41 -7.80 27.46
N GLU A 75 -7.95 -7.34 28.59
CA GLU A 75 -8.28 -8.26 29.69
C GLU A 75 -9.23 -9.34 29.22
N GLY A 76 -8.92 -10.58 29.55
CA GLY A 76 -9.76 -11.71 29.18
C GLY A 76 -9.32 -12.34 27.87
N GLU A 77 -8.39 -11.67 27.18
CA GLU A 77 -7.85 -12.14 25.91
C GLU A 77 -6.42 -12.64 26.06
N PRO A 78 -5.99 -13.60 25.22
CA PRO A 78 -6.77 -14.22 24.13
C PRO A 78 -7.68 -15.31 24.71
N ASN A 79 -8.88 -15.47 24.15
CA ASN A 79 -9.80 -16.46 24.68
C ASN A 79 -10.32 -17.51 23.70
N ASN A 80 -9.93 -17.43 22.43
CA ASN A 80 -10.31 -18.39 21.39
C ASN A 80 -11.80 -18.80 21.45
N VAL A 81 -12.72 -17.82 21.57
CA VAL A 81 -14.15 -18.14 21.68
C VAL A 81 -14.82 -18.72 20.44
N GLY A 82 -15.99 -19.30 20.67
CA GLY A 82 -16.75 -19.90 19.59
C GLY A 82 -16.03 -21.13 19.05
N SER A 83 -15.95 -21.22 17.73
CA SER A 83 -15.27 -22.34 17.09
C SER A 83 -13.80 -22.00 16.83
N GLY A 84 -13.32 -20.95 17.49
CA GLY A 84 -11.94 -20.55 17.33
C GLY A 84 -11.70 -19.13 16.84
N GLU A 85 -10.66 -18.52 17.40
CA GLU A 85 -10.23 -17.18 17.04
C GLU A 85 -8.71 -17.29 16.91
N ASN A 86 -8.23 -17.27 15.67
CA ASN A 86 -6.82 -17.44 15.41
C ASN A 86 -6.13 -16.24 14.82
N CYS A 87 -6.86 -15.13 14.72
CA CYS A 87 -6.27 -13.91 14.18
C CYS A 87 -6.30 -12.87 15.28
N VAL A 88 -5.65 -11.74 15.07
CA VAL A 88 -5.55 -10.71 16.10
C VAL A 88 -5.85 -9.31 15.56
N VAL A 89 -6.63 -8.56 16.34
CA VAL A 89 -6.96 -7.19 15.99
C VAL A 89 -6.54 -6.25 17.12
N LEU A 90 -6.23 -5.02 16.73
CA LEU A 90 -5.85 -3.98 17.65
C LEU A 90 -7.13 -3.16 17.81
N LEU A 91 -7.64 -3.12 19.03
CA LEU A 91 -8.86 -2.40 19.36
C LEU A 91 -8.60 -0.88 19.39
N THR A 92 -9.66 -0.09 19.44
CA THR A 92 -9.51 1.37 19.45
C THR A 92 -8.90 1.93 20.75
N ASN A 93 -8.77 1.07 21.76
CA ASN A 93 -8.14 1.46 23.02
C ASN A 93 -6.67 0.99 23.04
N GLY A 94 -6.18 0.46 21.92
CA GLY A 94 -4.80 0.02 21.85
C GLY A 94 -4.49 -1.40 22.30
N LYS A 95 -5.47 -2.05 22.94
CA LYS A 95 -5.29 -3.44 23.40
C LYS A 95 -5.66 -4.41 22.28
N TRP A 96 -5.23 -5.66 22.41
CA TRP A 96 -5.52 -6.66 21.40
C TRP A 96 -6.63 -7.64 21.76
N ASN A 97 -7.24 -8.19 20.72
CA ASN A 97 -8.26 -9.20 20.85
C ASN A 97 -8.03 -10.25 19.76
N ASP A 98 -8.17 -11.53 20.12
CA ASP A 98 -8.05 -12.57 19.10
C ASP A 98 -9.45 -12.69 18.48
N VAL A 99 -9.52 -12.81 17.16
CA VAL A 99 -10.79 -12.89 16.43
C VAL A 99 -10.71 -13.93 15.31
N PRO A 100 -11.87 -14.31 14.74
CA PRO A 100 -11.88 -15.28 13.64
C PRO A 100 -11.16 -14.67 12.45
N CYS A 101 -10.28 -15.43 11.80
CA CYS A 101 -9.57 -14.90 10.64
C CYS A 101 -10.50 -14.61 9.48
N SER A 102 -11.68 -15.24 9.50
CA SER A 102 -12.67 -15.04 8.45
C SER A 102 -13.49 -13.73 8.59
N ASP A 103 -13.43 -13.10 9.75
CA ASP A 103 -14.13 -11.82 9.97
C ASP A 103 -13.41 -10.64 9.31
N SER A 104 -14.16 -9.57 9.04
CA SER A 104 -13.62 -8.39 8.35
C SER A 104 -13.32 -7.19 9.26
N PHE A 105 -12.13 -6.64 9.09
CA PHE A 105 -11.66 -5.50 9.88
C PHE A 105 -10.76 -4.67 8.99
N LEU A 106 -10.35 -3.49 9.44
CA LEU A 106 -9.44 -2.69 8.65
C LEU A 106 -8.09 -3.41 8.72
N VAL A 107 -7.14 -2.97 7.91
CA VAL A 107 -5.82 -3.57 7.94
C VAL A 107 -4.80 -2.44 7.97
N VAL A 108 -3.78 -2.63 8.79
CA VAL A 108 -2.68 -1.67 8.86
C VAL A 108 -1.49 -2.45 8.30
N CYS A 109 -0.89 -1.91 7.25
CA CYS A 109 0.27 -2.52 6.61
C CYS A 109 1.52 -1.86 7.17
N GLU A 110 2.63 -2.58 7.13
CA GLU A 110 3.91 -2.11 7.64
C GLU A 110 4.95 -2.25 6.54
N PHE A 111 5.80 -1.22 6.38
CA PHE A 111 6.82 -1.17 5.36
C PHE A 111 8.11 -0.71 5.99
N SER A 112 9.23 -1.10 5.42
CA SER A 112 10.54 -0.71 5.95
C SER A 112 11.24 0.32 5.09
N LYS B 1 8.66 13.09 4.96
CA LYS B 1 9.17 12.95 3.57
C LYS B 1 8.18 12.05 2.84
N LYS B 2 8.37 11.90 1.56
CA LYS B 2 7.53 10.99 0.78
C LYS B 2 8.18 9.62 0.77
N TYR B 3 7.35 8.61 0.83
CA TYR B 3 7.80 7.22 0.76
C TYR B 3 7.17 6.59 -0.47
N PHE B 4 7.95 5.85 -1.21
CA PHE B 4 7.46 5.20 -2.43
C PHE B 4 7.54 3.67 -2.31
N MET B 5 6.48 3.03 -2.79
CA MET B 5 6.37 1.55 -2.80
C MET B 5 5.84 1.09 -4.15
N SER B 6 6.41 0.00 -4.66
CA SER B 6 6.02 -0.57 -5.93
C SER B 6 5.12 -1.79 -5.76
N SER B 7 4.18 -1.94 -6.69
CA SER B 7 3.27 -3.07 -6.70
C SER B 7 4.04 -4.24 -7.31
N VAL B 8 3.44 -5.42 -7.18
CA VAL B 8 4.00 -6.66 -7.70
C VAL B 8 3.33 -6.93 -9.06
N ARG B 9 2.02 -6.71 -9.13
CA ARG B 9 1.27 -6.95 -10.36
C ARG B 9 1.06 -5.73 -11.23
N ARG B 10 0.71 -5.97 -12.49
CA ARG B 10 0.48 -4.91 -13.47
C ARG B 10 -1.02 -4.66 -13.55
N MET B 11 -1.41 -3.42 -13.82
CA MET B 11 -2.82 -3.07 -13.89
C MET B 11 -2.99 -1.72 -14.59
N PRO B 12 -4.18 -1.48 -15.18
CA PRO B 12 -4.41 -0.19 -15.86
C PRO B 12 -4.45 0.91 -14.81
N LEU B 13 -4.34 2.17 -15.24
CA LEU B 13 -4.31 3.30 -14.31
C LEU B 13 -5.41 3.37 -13.26
N ASN B 14 -6.66 3.16 -13.66
CA ASN B 14 -7.74 3.23 -12.68
C ASN B 14 -7.60 2.26 -11.51
N ARG B 15 -7.15 1.06 -11.79
CA ARG B 15 -6.94 0.06 -10.75
C ARG B 15 -5.72 0.47 -9.93
N ALA B 16 -4.77 1.11 -10.59
CA ALA B 16 -3.55 1.61 -9.97
C ALA B 16 -3.93 2.69 -8.92
N LYS B 17 -4.83 3.57 -9.34
CA LYS B 17 -5.33 4.64 -8.48
C LYS B 17 -6.01 4.02 -7.28
N ALA B 18 -6.90 3.07 -7.53
CA ALA B 18 -7.63 2.36 -6.47
C ALA B 18 -6.68 1.64 -5.51
N LEU B 19 -5.64 1.02 -6.05
CA LEU B 19 -4.71 0.32 -5.18
C LEU B 19 -4.07 1.30 -4.19
N CYS B 20 -3.48 2.37 -4.70
CA CYS B 20 -2.82 3.34 -3.84
C CYS B 20 -3.77 4.00 -2.84
N SER B 21 -4.97 4.36 -3.29
CA SER B 21 -5.95 4.99 -2.40
C SER B 21 -6.44 4.03 -1.31
N GLU B 22 -6.35 2.73 -1.55
CA GLU B 22 -6.77 1.76 -0.54
C GLU B 22 -5.97 1.94 0.74
N LEU B 23 -4.71 2.35 0.61
CA LEU B 23 -3.84 2.58 1.76
C LEU B 23 -3.65 4.07 1.99
N GLN B 24 -4.60 4.85 1.45
CA GLN B 24 -4.64 6.29 1.57
C GLN B 24 -3.46 7.03 0.96
N GLY B 25 -2.90 6.45 -0.09
CA GLY B 25 -1.78 7.07 -0.79
C GLY B 25 -2.24 7.48 -2.18
N THR B 26 -1.30 7.90 -3.00
CA THR B 26 -1.61 8.29 -4.36
C THR B 26 -0.58 7.64 -5.28
N VAL B 27 -0.82 7.72 -6.59
CA VAL B 27 0.11 7.16 -7.56
C VAL B 27 1.29 8.13 -7.62
N ALA B 28 2.50 7.60 -7.45
CA ALA B 28 3.71 8.44 -7.45
C ALA B 28 3.85 9.52 -8.53
N THR B 29 4.03 10.76 -8.08
CA THR B 29 4.21 11.91 -8.97
C THR B 29 5.51 12.61 -8.57
N PRO B 30 6.60 12.36 -9.31
CA PRO B 30 7.88 12.99 -8.99
C PRO B 30 7.82 14.49 -9.31
N ARG B 31 8.25 15.32 -8.35
CA ARG B 31 8.26 16.77 -8.51
C ARG B 31 9.64 17.31 -8.84
N ASN B 32 10.65 16.42 -8.86
CA ASN B 32 12.03 16.81 -9.17
C ASN B 32 12.84 15.54 -9.48
N ALA B 33 14.10 15.68 -9.85
CA ALA B 33 14.94 14.52 -10.19
C ALA B 33 15.27 13.59 -9.03
N GLU B 34 15.37 14.12 -7.82
CA GLU B 34 15.68 13.30 -6.67
C GLU B 34 14.54 12.31 -6.47
N GLU B 35 13.31 12.82 -6.52
CA GLU B 35 12.13 11.99 -6.38
C GLU B 35 12.02 11.03 -7.56
N ASN B 36 12.41 11.48 -8.75
CA ASN B 36 12.32 10.64 -9.93
C ASN B 36 13.23 9.41 -9.73
N ARG B 37 14.41 9.68 -9.20
CA ARG B 37 15.39 8.62 -8.91
C ARG B 37 14.93 7.72 -7.76
N ALA B 38 14.24 8.30 -6.77
CA ALA B 38 13.75 7.49 -5.65
C ALA B 38 12.68 6.50 -6.15
N ILE B 39 11.92 6.91 -7.15
CA ILE B 39 10.88 6.05 -7.72
C ILE B 39 11.59 4.96 -8.53
N GLN B 40 12.67 5.34 -9.20
CA GLN B 40 13.48 4.41 -9.99
C GLN B 40 14.00 3.29 -9.09
N ASN B 41 14.44 3.67 -7.90
CA ASN B 41 14.96 2.70 -6.94
C ASN B 41 13.96 1.59 -6.59
N VAL B 42 12.68 1.94 -6.55
CA VAL B 42 11.65 0.95 -6.19
C VAL B 42 10.99 0.23 -7.37
N ALA B 43 10.97 0.87 -8.53
CA ALA B 43 10.36 0.27 -9.71
C ALA B 43 11.32 -0.67 -10.46
N LYS B 44 11.02 -1.96 -10.43
CA LYS B 44 11.85 -2.98 -11.10
C LYS B 44 11.54 -3.11 -12.59
N ASP B 45 10.46 -2.47 -13.03
CA ASP B 45 10.05 -2.52 -14.41
C ASP B 45 9.21 -1.25 -14.65
N VAL B 46 8.80 -1.04 -15.89
CA VAL B 46 7.99 0.13 -16.27
C VAL B 46 6.79 0.24 -15.35
N ALA B 47 6.58 1.43 -14.82
CA ALA B 47 5.49 1.64 -13.89
C ALA B 47 4.78 2.98 -14.09
N PHE B 48 3.51 3.00 -13.73
CA PHE B 48 2.67 4.19 -13.85
C PHE B 48 3.06 5.29 -12.86
N LEU B 49 2.92 6.53 -13.30
CA LEU B 49 3.18 7.71 -12.49
C LEU B 49 1.80 8.40 -12.45
N GLY B 50 1.55 9.22 -11.44
CA GLY B 50 0.24 9.85 -11.33
C GLY B 50 0.12 11.12 -12.13
N ILE B 51 0.23 10.99 -13.45
CA ILE B 51 0.16 12.13 -14.36
C ILE B 51 -0.64 11.76 -15.61
N THR B 52 -1.49 12.67 -16.09
CA THR B 52 -2.25 12.42 -17.31
C THR B 52 -2.54 13.73 -18.04
N ASP B 53 -2.87 13.62 -19.32
CA ASP B 53 -3.27 14.81 -20.08
C ASP B 53 -4.68 14.49 -20.59
N GLN B 54 -5.44 13.83 -19.72
CA GLN B 54 -6.79 13.44 -20.05
C GLN B 54 -7.70 14.66 -20.20
N ARG B 55 -7.46 15.72 -19.42
CA ARG B 55 -8.29 16.91 -19.50
C ARG B 55 -8.11 17.61 -20.84
N THR B 56 -6.90 18.07 -21.11
CA THR B 56 -6.57 18.74 -22.36
C THR B 56 -5.30 18.11 -22.90
N GLU B 57 -5.36 17.68 -24.16
CA GLU B 57 -4.22 17.04 -24.79
C GLU B 57 -2.96 17.89 -24.73
N ASN B 58 -1.87 17.25 -24.30
CA ASN B 58 -0.55 17.85 -24.16
C ASN B 58 -0.38 18.78 -22.96
N VAL B 59 -1.38 18.80 -22.11
CA VAL B 59 -1.30 19.54 -20.83
C VAL B 59 -1.31 18.48 -19.74
N PHE B 60 -0.17 18.27 -19.11
CA PHE B 60 -0.04 17.20 -18.10
C PHE B 60 -0.26 17.72 -16.69
N GLU B 61 -1.16 17.02 -16.01
CA GLU B 61 -1.53 17.31 -14.62
C GLU B 61 -1.43 16.05 -13.77
N ASP B 62 -1.26 16.23 -12.46
CA ASP B 62 -1.24 15.09 -11.54
C ASP B 62 -2.69 14.59 -11.41
N LEU B 63 -2.91 13.51 -10.68
CA LEU B 63 -4.25 12.95 -10.57
C LEU B 63 -5.28 13.87 -9.92
N THR B 64 -4.84 14.93 -9.24
CA THR B 64 -5.77 15.88 -8.62
C THR B 64 -6.08 17.06 -9.55
N GLY B 65 -5.65 16.97 -10.81
CA GLY B 65 -5.90 18.03 -11.77
C GLY B 65 -5.01 19.23 -11.58
N ASN B 66 -3.83 18.98 -11.01
CA ASN B 66 -2.90 20.05 -10.75
C ASN B 66 -1.78 19.95 -11.77
N ARG B 67 -1.64 20.96 -12.63
CA ARG B 67 -0.61 20.98 -13.67
C ARG B 67 0.80 20.75 -13.12
N VAL B 68 1.53 19.83 -13.72
CA VAL B 68 2.89 19.53 -13.25
C VAL B 68 3.92 20.48 -13.85
N ARG B 69 5.02 20.65 -13.14
CA ARG B 69 6.12 21.47 -13.61
C ARG B 69 7.26 20.56 -14.13
N TYR B 70 7.87 19.81 -13.24
CA TYR B 70 8.96 18.91 -13.60
C TYR B 70 8.50 17.78 -14.51
N THR B 71 9.24 17.54 -15.59
CA THR B 71 8.97 16.44 -16.52
C THR B 71 10.32 15.80 -16.86
N ASN B 72 10.31 14.53 -17.25
CA ASN B 72 11.55 13.82 -17.60
C ASN B 72 11.26 12.90 -18.78
N TRP B 73 10.63 13.45 -19.81
CA TRP B 73 10.23 12.70 -21.00
C TRP B 73 11.39 12.07 -21.75
N ASN B 74 11.15 10.85 -22.24
CA ASN B 74 12.15 10.13 -23.02
C ASN B 74 12.16 10.85 -24.36
N GLU B 75 13.28 10.80 -25.09
CA GLU B 75 13.35 11.48 -26.38
C GLU B 75 12.24 10.99 -27.29
N GLY B 76 11.54 11.93 -27.90
CA GLY B 76 10.45 11.58 -28.81
C GLY B 76 9.10 11.54 -28.13
N GLU B 77 9.11 11.72 -26.81
CA GLU B 77 7.90 11.69 -25.99
C GLU B 77 7.64 13.09 -25.43
N PRO B 78 6.36 13.42 -25.17
CA PRO B 78 5.18 12.58 -25.38
C PRO B 78 4.77 12.63 -26.86
N ASN B 79 4.27 11.52 -27.39
CA ASN B 79 3.89 11.48 -28.80
C ASN B 79 2.45 11.10 -29.12
N ASN B 80 1.64 10.86 -28.09
CA ASN B 80 0.23 10.51 -28.24
C ASN B 80 -0.10 9.57 -29.42
N VAL B 81 0.61 8.45 -29.53
CA VAL B 81 0.38 7.53 -30.64
C VAL B 81 -0.99 6.87 -30.69
N GLY B 82 -1.36 6.44 -31.89
CA GLY B 82 -2.61 5.74 -32.13
C GLY B 82 -3.88 6.44 -31.73
N SER B 83 -4.75 5.70 -31.03
CA SER B 83 -6.03 6.23 -30.58
C SER B 83 -5.83 7.17 -29.40
N GLY B 84 -4.58 7.35 -28.98
CA GLY B 84 -4.29 8.24 -27.86
C GLY B 84 -3.52 7.60 -26.72
N GLU B 85 -2.65 8.40 -26.13
CA GLU B 85 -1.84 7.99 -24.99
C GLU B 85 -1.97 9.15 -24.01
N ASN B 86 -2.73 8.94 -22.94
CA ASN B 86 -2.97 10.00 -21.99
C ASN B 86 -2.49 9.73 -20.57
N CYS B 87 -1.74 8.64 -20.40
CA CYS B 87 -1.19 8.30 -19.09
C CYS B 87 0.32 8.29 -19.24
N VAL B 88 1.03 8.23 -18.13
CA VAL B 88 2.48 8.31 -18.13
C VAL B 88 3.13 7.19 -17.30
N VAL B 89 4.21 6.64 -17.82
CA VAL B 89 4.96 5.60 -17.12
C VAL B 89 6.42 6.02 -17.03
N LEU B 90 7.10 5.52 -16.00
CA LEU B 90 8.52 5.76 -15.80
C LEU B 90 9.18 4.51 -16.42
N LEU B 91 9.96 4.74 -17.46
CA LEU B 91 10.69 3.66 -18.14
C LEU B 91 11.82 3.19 -17.23
N THR B 92 12.44 2.06 -17.56
CA THR B 92 13.51 1.54 -16.70
C THR B 92 14.82 2.35 -16.74
N ASN B 93 14.90 3.33 -17.64
CA ASN B 93 16.05 4.22 -17.73
C ASN B 93 15.73 5.53 -17.00
N GLY B 94 14.60 5.57 -16.30
CA GLY B 94 14.22 6.76 -15.56
C GLY B 94 13.47 7.83 -16.33
N LYS B 95 13.41 7.72 -17.65
CA LYS B 95 12.69 8.70 -18.47
C LYS B 95 11.21 8.29 -18.59
N TRP B 96 10.38 9.25 -18.98
CA TRP B 96 8.96 8.99 -19.10
C TRP B 96 8.47 8.73 -20.52
N ASN B 97 7.38 7.98 -20.61
CA ASN B 97 6.72 7.70 -21.88
C ASN B 97 5.22 7.85 -21.68
N ASP B 98 4.52 8.47 -22.62
CA ASP B 98 3.07 8.57 -22.47
C ASP B 98 2.49 7.27 -23.06
N VAL B 99 1.54 6.67 -22.36
CA VAL B 99 0.95 5.41 -22.76
C VAL B 99 -0.57 5.43 -22.60
N PRO B 100 -1.26 4.43 -23.18
CA PRO B 100 -2.71 4.37 -23.06
C PRO B 100 -3.05 4.07 -21.60
N CYS B 101 -4.02 4.80 -21.06
CA CYS B 101 -4.45 4.61 -19.67
C CYS B 101 -5.02 3.22 -19.44
N SER B 102 -5.47 2.57 -20.49
CA SER B 102 -6.03 1.24 -20.36
C SER B 102 -4.98 0.10 -20.38
N ASP B 103 -3.73 0.40 -20.71
CA ASP B 103 -2.68 -0.61 -20.73
C ASP B 103 -2.20 -0.89 -19.30
N SER B 104 -1.64 -2.07 -19.07
CA SER B 104 -1.21 -2.47 -17.74
C SER B 104 0.27 -2.35 -17.46
N PHE B 105 0.60 -1.77 -16.32
CA PHE B 105 1.99 -1.60 -15.91
C PHE B 105 2.04 -1.72 -14.38
N LEU B 106 3.24 -1.79 -13.82
CA LEU B 106 3.35 -1.84 -12.38
C LEU B 106 2.94 -0.43 -11.94
N VAL B 107 2.71 -0.25 -10.65
CA VAL B 107 2.34 1.05 -10.14
C VAL B 107 3.19 1.35 -8.92
N VAL B 108 3.64 2.59 -8.84
CA VAL B 108 4.39 3.02 -7.67
C VAL B 108 3.47 3.97 -6.90
N CYS B 109 3.25 3.66 -5.63
CA CYS B 109 2.41 4.49 -4.78
C CYS B 109 3.30 5.41 -3.95
N GLU B 110 2.72 6.53 -3.56
CA GLU B 110 3.41 7.57 -2.80
C GLU B 110 2.62 7.89 -1.54
N PHE B 111 3.33 8.01 -0.42
CA PHE B 111 2.72 8.30 0.87
C PHE B 111 3.63 9.32 1.56
N SER B 112 3.08 10.06 2.51
CA SER B 112 3.87 11.07 3.22
C SER B 112 3.34 11.30 4.64
#